data_5N5R
#
_entry.id   5N5R
#
_cell.length_a   81.962
_cell.length_b   111.974
_cell.length_c   62.630
_cell.angle_alpha   90.000
_cell.angle_beta   90.000
_cell.angle_gamma   90.000
#
_symmetry.space_group_name_H-M   'C 2 2 21'
#
loop_
_entity.id
_entity.type
_entity.pdbx_description
1 polymer '14-3-3 protein sigma'
2 polymer 'TAZ pS89 peptide'
3 non-polymer 'MAGNESIUM ION'
4 non-polymer 'CHLORIDE ION'
5 non-polymer 2-azanyl-~{N}-(2,6-dimethylphenyl)-~{N}-propan-2-yl-ethanamide
6 water water
#
loop_
_entity_poly.entity_id
_entity_poly.type
_entity_poly.pdbx_seq_one_letter_code
_entity_poly.pdbx_strand_id
1 'polypeptide(L)'
;GAMGSMERASLIQKAKLAEQAERYEDMAAFMKGAVEKGEELSCEERNLLSVAYKNVVGGQRAAWRVLSSIEQKSNEEGSE
EKGPEVREYREKVETELQGVCDTVLGLLDSHLIKEAGDAESRVFYLKMKGDYYRYLAEVATGDDKKRIIDSARSAYQEAM
DISKKEMPPTNPIRLGLALNFSVFHYEIANSPEEAISLAKTTFDEAMADLHTLSEDSYKDSTLIMQLLRDNLTLWT
;
A
2 'polypeptide(L)' SH(SEP)SPASLQ P
#
# COMPACT_ATOMS: atom_id res chain seq x y z
N GLY A 1 14.58 -20.24 1.17
CA GLY A 1 14.99 -19.01 0.43
C GLY A 1 16.46 -18.73 0.60
N ALA A 2 17.00 -17.88 -0.27
CA ALA A 2 18.41 -17.55 -0.23
C ALA A 2 18.79 -16.78 1.03
N MET A 3 17.80 -16.28 1.78
CA MET A 3 18.08 -15.60 3.04
C MET A 3 17.96 -16.51 4.24
N GLY A 4 17.68 -17.79 4.04
CA GLY A 4 17.45 -18.70 5.15
C GLY A 4 18.64 -18.85 6.08
N SER A 5 19.85 -18.62 5.59
CA SER A 5 21.03 -18.80 6.42
CA SER A 5 21.05 -18.78 6.40
C SER A 5 21.45 -17.53 7.16
N MET A 6 20.77 -16.39 6.93
CA MET A 6 21.18 -15.15 7.56
C MET A 6 20.34 -14.85 8.80
N GLU A 7 21.01 -14.38 9.86
CA GLU A 7 20.31 -14.01 11.09
C GLU A 7 19.22 -12.98 10.82
N ARG A 8 18.11 -13.12 11.56
CA ARG A 8 17.04 -12.13 11.47
C ARG A 8 17.56 -10.71 11.68
N ALA A 9 18.38 -10.49 12.73
CA ALA A 9 18.83 -9.14 13.04
C ALA A 9 19.73 -8.59 11.93
N SER A 10 20.54 -9.46 11.33
CA SER A 10 21.38 -9.09 10.19
C SER A 10 20.54 -8.70 8.97
N LEU A 11 19.46 -9.43 8.71
CA LEU A 11 18.56 -9.08 7.61
C LEU A 11 17.94 -7.71 7.82
N ILE A 12 17.54 -7.41 9.05
CA ILE A 12 16.95 -6.09 9.34
C ILE A 12 18.01 -5.01 9.20
N GLN A 13 19.21 -5.27 9.72
CA GLN A 13 20.29 -4.30 9.57
C GLN A 13 20.59 -4.03 8.10
N LYS A 14 20.66 -5.09 7.28
CA LYS A 14 20.93 -4.91 5.86
C LYS A 14 19.78 -4.26 5.11
N ALA A 15 18.52 -4.51 5.53
CA ALA A 15 17.42 -3.79 4.94
C ALA A 15 17.59 -2.29 5.13
N LYS A 16 18.05 -1.88 6.32
CA LYS A 16 18.23 -0.46 6.59
C LYS A 16 19.36 0.12 5.75
N LEU A 17 20.43 -0.65 5.59
CA LEU A 17 21.54 -0.23 4.72
C LEU A 17 21.08 -0.09 3.27
N ALA A 18 20.33 -1.08 2.79
CA ALA A 18 19.81 -1.04 1.43
C ALA A 18 18.94 0.17 1.20
N GLU A 19 18.11 0.54 2.19
CA GLU A 19 17.32 1.75 2.08
C GLU A 19 18.20 2.98 1.90
N GLN A 20 19.25 3.10 2.72
CA GLN A 20 20.18 4.22 2.60
CA GLN A 20 20.15 4.25 2.59
C GLN A 20 20.83 4.27 1.23
N ALA A 21 21.11 3.11 0.66
CA ALA A 21 21.73 2.98 -0.65
C ALA A 21 20.71 3.03 -1.79
N GLU A 22 19.42 3.18 -1.47
CA GLU A 22 18.36 3.19 -2.48
CA GLU A 22 18.36 3.18 -2.48
C GLU A 22 18.38 1.91 -3.33
N ARG A 23 18.68 0.79 -2.68
CA ARG A 23 18.68 -0.54 -3.28
C ARG A 23 17.43 -1.27 -2.82
N TYR A 24 16.30 -0.90 -3.42
CA TYR A 24 15.03 -1.35 -2.87
C TYR A 24 14.72 -2.80 -3.18
N GLU A 25 15.21 -3.36 -4.30
CA GLU A 25 15.06 -4.79 -4.54
CA GLU A 25 15.06 -4.79 -4.54
C GLU A 25 15.78 -5.58 -3.47
N ASP A 26 17.01 -5.18 -3.13
CA ASP A 26 17.72 -5.83 -2.04
C ASP A 26 16.95 -5.69 -0.74
N MET A 27 16.49 -4.47 -0.47
CA MET A 27 15.75 -4.21 0.76
C MET A 27 14.57 -5.15 0.89
N ALA A 28 13.81 -5.33 -0.20
CA ALA A 28 12.66 -6.23 -0.19
C ALA A 28 13.08 -7.68 0.06
N ALA A 29 14.13 -8.14 -0.61
CA ALA A 29 14.58 -9.50 -0.37
C ALA A 29 15.01 -9.70 1.08
N PHE A 30 15.70 -8.72 1.67
CA PHE A 30 16.11 -8.84 3.08
C PHE A 30 14.88 -8.90 3.99
N MET A 31 13.88 -8.05 3.74
CA MET A 31 12.71 -8.04 4.60
C MET A 31 11.84 -9.29 4.39
N LYS A 32 11.75 -9.78 3.15
CA LYS A 32 11.09 -11.07 2.93
C LYS A 32 11.78 -12.16 3.76
N GLY A 33 13.12 -12.17 3.74
CA GLY A 33 13.84 -13.12 4.57
C GLY A 33 13.54 -12.97 6.05
N ALA A 34 13.43 -11.72 6.53
CA ALA A 34 13.11 -11.50 7.93
C ALA A 34 11.71 -12.00 8.26
N VAL A 35 10.73 -11.70 7.41
CA VAL A 35 9.38 -12.21 7.63
C VAL A 35 9.39 -13.72 7.73
N GLU A 36 10.13 -14.38 6.84
CA GLU A 36 10.12 -15.84 6.75
C GLU A 36 10.79 -16.50 7.94
N LYS A 37 11.45 -15.74 8.83
CA LYS A 37 11.88 -16.32 10.09
C LYS A 37 10.72 -16.72 10.98
N GLY A 38 9.52 -16.18 10.74
CA GLY A 38 8.33 -16.63 11.43
C GLY A 38 7.94 -15.85 12.66
N GLU A 39 8.76 -14.91 13.11
CA GLU A 39 8.41 -14.06 14.23
C GLU A 39 7.61 -12.85 13.74
N GLU A 40 6.73 -12.35 14.58
CA GLU A 40 6.00 -11.13 14.25
C GLU A 40 6.99 -10.00 14.03
N LEU A 41 6.53 -8.96 13.33
CA LEU A 41 7.34 -7.79 13.04
C LEU A 41 6.98 -6.64 13.98
N SER A 42 7.97 -5.90 14.41
CA SER A 42 7.73 -4.67 15.14
C SER A 42 7.18 -3.58 14.23
N CYS A 43 6.78 -2.46 14.83
CA CYS A 43 6.29 -1.33 14.03
C CYS A 43 7.34 -0.87 13.03
N GLU A 44 8.59 -0.71 13.48
CA GLU A 44 9.64 -0.25 12.58
C GLU A 44 9.87 -1.26 11.46
N GLU A 45 9.83 -2.54 11.79
CA GLU A 45 10.05 -3.60 10.79
C GLU A 45 8.92 -3.66 9.77
N ARG A 46 7.66 -3.50 10.21
CA ARG A 46 6.56 -3.40 9.27
C ARG A 46 6.77 -2.26 8.30
N ASN A 47 7.24 -1.12 8.80
CA ASN A 47 7.46 0.01 7.90
C ASN A 47 8.57 -0.29 6.91
N LEU A 48 9.62 -1.00 7.35
CA LEU A 48 10.68 -1.35 6.41
C LEU A 48 10.15 -2.26 5.31
N LEU A 49 9.32 -3.23 5.68
CA LEU A 49 8.74 -4.14 4.70
C LEU A 49 7.93 -3.36 3.67
N SER A 50 7.09 -2.45 4.16
CA SER A 50 6.26 -1.62 3.28
C SER A 50 7.09 -0.71 2.39
N VAL A 51 8.05 0.01 2.96
CA VAL A 51 8.92 0.88 2.14
C VAL A 51 9.57 0.09 1.02
N ALA A 52 10.11 -1.09 1.33
CA ALA A 52 10.85 -1.86 0.34
C ALA A 52 9.96 -2.22 -0.84
N TYR A 53 8.85 -2.90 -0.56
CA TYR A 53 8.01 -3.36 -1.66
C TYR A 53 7.27 -2.22 -2.35
N LYS A 54 6.93 -1.15 -1.62
CA LYS A 54 6.26 -0.04 -2.28
C LYS A 54 7.16 0.58 -3.32
N ASN A 55 8.45 0.69 -3.01
CA ASN A 55 9.40 1.24 -3.96
C ASN A 55 9.63 0.28 -5.12
N VAL A 56 9.72 -1.02 -4.87
CA VAL A 56 9.87 -1.97 -5.97
C VAL A 56 8.67 -1.91 -6.91
N VAL A 57 7.47 -2.08 -6.36
CA VAL A 57 6.27 -2.10 -7.21
C VAL A 57 6.03 -0.72 -7.81
N GLY A 58 6.48 0.35 -7.14
CA GLY A 58 6.30 1.67 -7.71
C GLY A 58 7.09 1.85 -9.00
N GLY A 59 8.31 1.34 -9.05
CA GLY A 59 9.05 1.37 -10.30
C GLY A 59 8.37 0.57 -11.40
N GLN A 60 7.84 -0.60 -11.04
CA GLN A 60 7.15 -1.43 -12.03
CA GLN A 60 7.16 -1.43 -12.05
C GLN A 60 5.87 -0.76 -12.50
N ARG A 61 5.12 -0.12 -11.59
CA ARG A 61 3.89 0.56 -12.01
C ARG A 61 4.20 1.72 -12.95
N ALA A 62 5.21 2.50 -12.65
CA ALA A 62 5.58 3.61 -13.52
C ALA A 62 5.97 3.10 -14.90
N ALA A 63 6.74 2.01 -14.95
CA ALA A 63 7.14 1.43 -16.23
C ALA A 63 5.96 0.89 -16.99
N TRP A 64 5.07 0.18 -16.29
CA TRP A 64 3.88 -0.37 -16.94
C TRP A 64 3.04 0.74 -17.56
N ARG A 65 2.93 1.88 -16.86
N ARG A 65 2.91 1.86 -16.85
CA ARG A 65 2.10 2.96 -17.39
CA ARG A 65 2.11 2.97 -17.38
C ARG A 65 2.71 3.56 -18.64
C ARG A 65 2.72 3.54 -18.65
N VAL A 66 4.03 3.76 -18.65
CA VAL A 66 4.73 4.22 -19.85
C VAL A 66 4.44 3.27 -21.01
N LEU A 67 4.63 1.96 -20.80
CA LEU A 67 4.50 1.00 -21.89
C LEU A 67 3.04 0.86 -22.33
N SER A 68 2.11 0.85 -21.38
CA SER A 68 0.69 0.76 -21.72
CA SER A 68 0.68 0.75 -21.74
C SER A 68 0.26 1.94 -22.60
N SER A 69 0.76 3.13 -22.27
CA SER A 69 0.43 4.32 -23.06
C SER A 69 0.98 4.19 -24.47
N ILE A 70 2.22 3.73 -24.61
CA ILE A 70 2.77 3.50 -25.95
C ILE A 70 1.94 2.46 -26.69
N GLU A 71 1.52 1.41 -25.99
CA GLU A 71 0.76 0.34 -26.62
C GLU A 71 -0.59 0.85 -27.10
N GLN A 72 -1.26 1.67 -26.28
CA GLN A 72 -2.58 2.16 -26.67
C GLN A 72 -2.48 3.08 -27.87
N LYS A 73 -1.41 3.89 -27.93
CA LYS A 73 -1.21 4.73 -29.11
C LYS A 73 -1.00 3.86 -30.34
N SER A 74 -0.16 2.83 -30.24
CA SER A 74 0.06 1.93 -31.37
C SER A 74 -1.22 1.30 -31.89
N ASN A 75 -2.32 1.37 -31.13
CA ASN A 75 -3.60 0.79 -31.51
C ASN A 75 -4.64 1.86 -31.84
N GLU A 76 -4.20 3.04 -32.27
CA GLU A 76 -5.13 4.12 -32.63
C GLU A 76 -5.46 4.08 -34.12
N GLY A 83 4.26 -4.56 -34.96
CA GLY A 83 4.70 -5.86 -34.49
C GLY A 83 4.33 -6.10 -33.02
N PRO A 84 4.71 -7.26 -32.49
CA PRO A 84 4.31 -7.66 -31.14
C PRO A 84 5.17 -7.11 -30.02
N GLU A 85 6.21 -6.33 -30.31
CA GLU A 85 7.23 -6.06 -29.29
C GLU A 85 6.68 -5.22 -28.13
N VAL A 86 5.89 -4.19 -28.42
CA VAL A 86 5.37 -3.34 -27.35
C VAL A 86 4.50 -4.16 -26.41
N ARG A 87 3.60 -4.95 -26.96
CA ARG A 87 2.74 -5.81 -26.13
C ARG A 87 3.58 -6.80 -25.34
N GLU A 88 4.55 -7.42 -25.99
CA GLU A 88 5.40 -8.41 -25.32
C GLU A 88 6.10 -7.80 -24.13
N TYR A 89 6.68 -6.62 -24.31
CA TYR A 89 7.47 -6.03 -23.24
C TYR A 89 6.57 -5.49 -22.13
N ARG A 90 5.42 -4.93 -22.49
CA ARG A 90 4.44 -4.57 -21.47
C ARG A 90 4.00 -5.80 -20.68
N GLU A 91 3.77 -6.92 -21.36
CA GLU A 91 3.42 -8.16 -20.66
C GLU A 91 4.53 -8.62 -19.74
N LYS A 92 5.79 -8.43 -20.14
CA LYS A 92 6.91 -8.85 -19.31
C LYS A 92 6.93 -8.07 -18.01
N VAL A 93 6.80 -6.75 -18.12
CA VAL A 93 6.79 -5.91 -16.93
C VAL A 93 5.58 -6.23 -16.08
N GLU A 94 4.42 -6.40 -16.74
CA GLU A 94 3.20 -6.73 -16.03
C GLU A 94 3.32 -8.02 -15.24
N THR A 95 3.96 -9.03 -15.83
CA THR A 95 4.10 -10.31 -15.15
C THR A 95 5.03 -10.17 -13.96
N GLU A 96 6.08 -9.38 -14.11
CA GLU A 96 6.99 -9.17 -12.99
C GLU A 96 6.30 -8.43 -11.86
N LEU A 97 5.50 -7.42 -12.20
CA LEU A 97 4.70 -6.69 -11.23
CA LEU A 97 4.70 -6.69 -11.22
C LEU A 97 3.75 -7.63 -10.49
N GLN A 98 3.05 -8.48 -11.23
CA GLN A 98 2.12 -9.41 -10.61
C GLN A 98 2.85 -10.36 -9.68
N GLY A 99 4.08 -10.73 -10.05
CA GLY A 99 4.85 -11.63 -9.19
C GLY A 99 5.23 -10.96 -7.88
N VAL A 100 5.58 -9.69 -7.92
CA VAL A 100 5.88 -8.95 -6.70
C VAL A 100 4.63 -8.84 -5.83
N CYS A 101 3.49 -8.50 -6.44
CA CYS A 101 2.26 -8.41 -5.65
C CYS A 101 1.91 -9.76 -5.03
N ASP A 102 2.06 -10.85 -5.80
CA ASP A 102 1.76 -12.16 -5.28
C ASP A 102 2.68 -12.53 -4.13
N THR A 103 3.94 -12.12 -4.21
CA THR A 103 4.88 -12.39 -3.14
C THR A 103 4.45 -11.69 -1.85
N VAL A 104 4.09 -10.41 -1.95
CA VAL A 104 3.66 -9.66 -0.76
C VAL A 104 2.41 -10.26 -0.18
N LEU A 105 1.43 -10.54 -1.04
CA LEU A 105 0.18 -11.14 -0.57
C LEU A 105 0.44 -12.49 0.09
N GLY A 106 1.40 -13.25 -0.43
CA GLY A 106 1.75 -14.51 0.20
C GLY A 106 2.35 -14.35 1.57
N LEU A 107 3.17 -13.32 1.77
CA LEU A 107 3.73 -13.06 3.09
C LEU A 107 2.63 -12.66 4.06
N LEU A 108 1.67 -11.87 3.60
CA LEU A 108 0.58 -11.44 4.48
C LEU A 108 -0.27 -12.63 4.87
N ASP A 109 -0.48 -13.56 3.94
CA ASP A 109 -1.31 -14.73 4.19
C ASP A 109 -0.58 -15.84 4.94
N SER A 110 0.75 -15.81 4.95
CA SER A 110 1.58 -16.89 5.52
C SER A 110 2.79 -16.26 6.25
N HIS A 111 2.59 -15.71 7.45
CA HIS A 111 1.36 -15.75 8.25
C HIS A 111 1.18 -14.44 9.00
N LEU A 112 1.54 -13.32 8.36
CA LEU A 112 1.57 -12.05 9.06
C LEU A 112 0.19 -11.66 9.59
N ILE A 113 -0.83 -11.74 8.75
CA ILE A 113 -2.13 -11.25 9.18
C ILE A 113 -2.70 -12.12 10.30
N LYS A 114 -2.60 -13.43 10.17
CA LYS A 114 -3.28 -14.26 11.16
C LYS A 114 -2.63 -14.13 12.53
N GLU A 115 -1.35 -13.75 12.60
N GLU A 115 -1.36 -13.74 12.62
CA GLU A 115 -0.65 -13.58 13.87
CA GLU A 115 -0.72 -13.58 13.92
C GLU A 115 -0.77 -12.16 14.43
C GLU A 115 -0.74 -12.15 14.42
N ALA A 116 -1.34 -11.22 13.66
CA ALA A 116 -1.41 -9.82 14.05
C ALA A 116 -2.67 -9.59 14.87
N GLY A 117 -2.49 -9.38 16.17
CA GLY A 117 -3.63 -9.24 17.07
C GLY A 117 -3.90 -7.81 17.46
N ASP A 118 -2.86 -6.98 17.49
CA ASP A 118 -3.04 -5.58 17.88
C ASP A 118 -3.59 -4.77 16.71
N ALA A 119 -4.35 -3.72 17.02
CA ALA A 119 -4.94 -2.94 15.94
C ALA A 119 -3.89 -2.37 14.99
N GLU A 120 -2.78 -1.82 15.51
N GLU A 120 -2.76 -1.90 15.53
CA GLU A 120 -1.82 -1.18 14.63
CA GLU A 120 -1.75 -1.19 14.74
C GLU A 120 -1.26 -2.18 13.62
C GLU A 120 -1.04 -2.10 13.75
N SER A 121 -0.92 -3.38 14.06
CA SER A 121 -0.34 -4.36 13.13
C SER A 121 -1.42 -4.90 12.19
N ARG A 122 -2.57 -5.26 12.74
CA ARG A 122 -3.59 -5.88 11.91
C ARG A 122 -4.11 -4.92 10.85
N VAL A 123 -4.33 -3.66 11.22
CA VAL A 123 -4.78 -2.68 10.22
C VAL A 123 -3.68 -2.41 9.20
N PHE A 124 -2.43 -2.28 9.65
CA PHE A 124 -1.33 -2.08 8.70
C PHE A 124 -1.29 -3.19 7.65
N TYR A 125 -1.43 -4.44 8.08
CA TYR A 125 -1.29 -5.55 7.14
C TYR A 125 -2.51 -5.66 6.23
N LEU A 126 -3.71 -5.43 6.78
CA LEU A 126 -4.90 -5.49 5.95
C LEU A 126 -4.91 -4.37 4.92
N LYS A 127 -4.45 -3.18 5.31
CA LYS A 127 -4.25 -2.10 4.34
C LYS A 127 -3.28 -2.54 3.24
N MET A 128 -2.16 -3.15 3.62
CA MET A 128 -1.21 -3.63 2.62
C MET A 128 -1.87 -4.63 1.68
N LYS A 129 -2.70 -5.52 2.22
CA LYS A 129 -3.40 -6.49 1.39
C LYS A 129 -4.30 -5.78 0.39
N GLY A 130 -5.05 -4.78 0.84
CA GLY A 130 -5.82 -3.97 -0.09
C GLY A 130 -4.95 -3.29 -1.13
N ASP A 131 -3.84 -2.72 -0.70
CA ASP A 131 -2.93 -2.03 -1.62
C ASP A 131 -2.44 -2.95 -2.73
N TYR A 132 -1.96 -4.15 -2.38
CA TYR A 132 -1.37 -4.98 -3.44
C TYR A 132 -2.43 -5.67 -4.30
N TYR A 133 -3.65 -5.86 -3.80
CA TYR A 133 -4.73 -6.22 -4.71
C TYR A 133 -5.11 -5.05 -5.60
N ARG A 134 -5.04 -3.82 -5.07
CA ARG A 134 -5.28 -2.66 -5.91
C ARG A 134 -4.24 -2.56 -7.04
N TYR A 135 -2.97 -2.82 -6.74
CA TYR A 135 -1.96 -2.79 -7.80
C TYR A 135 -2.22 -3.88 -8.82
N LEU A 136 -2.65 -5.06 -8.38
CA LEU A 136 -3.06 -6.08 -9.34
C LEU A 136 -4.23 -5.60 -10.18
N ALA A 137 -5.19 -4.93 -9.54
CA ALA A 137 -6.38 -4.45 -10.26
C ALA A 137 -6.01 -3.44 -11.35
N GLU A 138 -4.99 -2.62 -11.13
CA GLU A 138 -4.61 -1.60 -12.09
C GLU A 138 -4.26 -2.23 -13.44
N VAL A 139 -3.74 -3.45 -13.46
CA VAL A 139 -3.32 -4.10 -14.70
C VAL A 139 -4.24 -5.23 -15.13
N ALA A 140 -5.31 -5.50 -14.39
CA ALA A 140 -6.18 -6.64 -14.66
C ALA A 140 -7.18 -6.28 -15.75
N THR A 141 -7.60 -7.29 -16.52
CA THR A 141 -8.45 -7.01 -17.67
C THR A 141 -9.44 -8.10 -18.07
N GLY A 142 -9.56 -9.22 -17.36
CA GLY A 142 -10.48 -10.24 -17.85
C GLY A 142 -10.71 -11.46 -16.99
N ASP A 143 -11.99 -11.78 -16.74
CA ASP A 143 -12.43 -12.94 -15.96
C ASP A 143 -12.13 -12.74 -14.48
N ASP A 144 -11.06 -12.03 -14.14
CA ASP A 144 -10.64 -11.88 -12.76
C ASP A 144 -10.50 -10.44 -12.30
N LYS A 145 -10.69 -9.44 -13.17
CA LYS A 145 -10.59 -8.07 -12.69
C LYS A 145 -11.62 -7.83 -11.59
N LYS A 146 -12.85 -8.31 -11.78
CA LYS A 146 -13.88 -8.09 -10.76
C LYS A 146 -13.52 -8.75 -9.44
N ARG A 147 -13.02 -9.99 -9.49
CA ARG A 147 -12.67 -10.69 -8.25
C ARG A 147 -11.46 -10.04 -7.60
N ILE A 148 -10.51 -9.52 -8.37
CA ILE A 148 -9.39 -8.81 -7.76
C ILE A 148 -9.87 -7.54 -7.07
N ILE A 149 -10.74 -6.78 -7.72
CA ILE A 149 -11.30 -5.56 -7.13
C ILE A 149 -12.02 -5.89 -5.83
N ASP A 150 -12.81 -6.97 -5.81
CA ASP A 150 -13.53 -7.24 -4.57
CA ASP A 150 -13.54 -7.40 -4.62
C ASP A 150 -12.59 -7.74 -3.48
N SER A 151 -11.48 -8.38 -3.82
CA SER A 151 -10.49 -8.74 -2.80
C SER A 151 -9.87 -7.49 -2.19
N ALA A 152 -9.52 -6.51 -3.02
CA ALA A 152 -9.01 -5.25 -2.50
C ALA A 152 -10.05 -4.61 -1.58
N ARG A 153 -11.30 -4.52 -2.06
CA ARG A 153 -12.36 -3.88 -1.27
CA ARG A 153 -12.36 -3.87 -1.27
C ARG A 153 -12.54 -4.56 0.07
N SER A 154 -12.58 -5.90 0.07
CA SER A 154 -12.80 -6.65 1.29
CA SER A 154 -12.81 -6.65 1.30
C SER A 154 -11.70 -6.41 2.31
N ALA A 155 -10.45 -6.36 1.86
CA ALA A 155 -9.33 -6.15 2.77
C ALA A 155 -9.38 -4.75 3.35
N TYR A 156 -9.60 -3.75 2.48
CA TYR A 156 -9.72 -2.38 2.94
C TYR A 156 -10.86 -2.22 3.93
N GLN A 157 -11.98 -2.89 3.66
CA GLN A 157 -13.16 -2.73 4.51
C GLN A 157 -12.92 -3.31 5.89
N GLU A 158 -12.29 -4.49 5.96
CA GLU A 158 -11.98 -5.06 7.28
C GLU A 158 -11.04 -4.16 8.04
N ALA A 159 -10.04 -3.61 7.37
CA ALA A 159 -9.11 -2.69 8.00
C ALA A 159 -9.83 -1.44 8.49
N MET A 160 -10.73 -0.89 7.66
CA MET A 160 -11.49 0.28 8.07
C MET A 160 -12.30 -0.01 9.33
N ASP A 161 -13.00 -1.15 9.35
CA ASP A 161 -13.85 -1.47 10.50
C ASP A 161 -13.02 -1.52 11.78
N ILE A 162 -11.85 -2.17 11.74
CA ILE A 162 -11.01 -2.24 12.93
C ILE A 162 -10.51 -0.86 13.31
N SER A 163 -10.06 -0.09 12.30
CA SER A 163 -9.44 1.20 12.58
CA SER A 163 -9.45 1.20 12.58
C SER A 163 -10.44 2.16 13.22
N LYS A 164 -11.69 2.12 12.77
CA LYS A 164 -12.69 3.02 13.35
C LYS A 164 -13.04 2.65 14.78
N LYS A 165 -12.98 1.37 15.13
CA LYS A 165 -13.27 0.93 16.49
C LYS A 165 -12.09 1.12 17.44
N GLU A 166 -10.86 1.03 16.93
CA GLU A 166 -9.69 0.84 17.80
C GLU A 166 -8.67 1.96 17.74
N MET A 167 -8.75 2.87 16.78
CA MET A 167 -7.75 3.90 16.61
C MET A 167 -8.37 5.28 16.60
N PRO A 168 -7.65 6.30 17.07
CA PRO A 168 -8.18 7.66 16.99
C PRO A 168 -8.18 8.14 15.54
N PRO A 169 -9.02 9.13 15.22
CA PRO A 169 -9.13 9.57 13.83
C PRO A 169 -7.87 10.16 13.26
N THR A 170 -6.90 10.57 14.09
CA THR A 170 -5.66 11.11 13.58
C THR A 170 -4.56 10.07 13.44
N ASN A 171 -4.81 8.84 13.81
CA ASN A 171 -3.78 7.83 13.75
CA ASN A 171 -3.78 7.83 13.75
C ASN A 171 -3.24 7.73 12.32
N PRO A 172 -1.92 7.84 12.11
CA PRO A 172 -1.42 7.85 10.72
C PRO A 172 -1.72 6.60 9.92
N ILE A 173 -1.79 5.44 10.57
CA ILE A 173 -2.16 4.22 9.86
C ILE A 173 -3.62 4.31 9.41
N ARG A 174 -4.51 4.73 10.31
CA ARG A 174 -5.91 4.92 9.96
C ARG A 174 -6.06 5.93 8.82
N LEU A 175 -5.33 7.03 8.88
CA LEU A 175 -5.38 8.05 7.82
C LEU A 175 -4.86 7.53 6.49
N GLY A 176 -3.73 6.84 6.51
CA GLY A 176 -3.19 6.31 5.25
C GLY A 176 -4.08 5.25 4.65
N LEU A 177 -4.74 4.47 5.51
CA LEU A 177 -5.72 3.50 5.05
C LEU A 177 -6.88 4.18 4.37
N ALA A 178 -7.46 5.18 5.03
CA ALA A 178 -8.60 5.88 4.44
C ALA A 178 -8.20 6.57 3.14
N LEU A 179 -7.02 7.19 3.12
CA LEU A 179 -6.51 7.76 1.88
C LEU A 179 -6.49 6.73 0.76
N ASN A 180 -5.88 5.57 1.00
CA ASN A 180 -5.75 4.58 -0.08
C ASN A 180 -7.08 3.95 -0.47
N PHE A 181 -8.00 3.78 0.48
CA PHE A 181 -9.31 3.25 0.13
C PHE A 181 -10.06 4.28 -0.71
N SER A 182 -9.87 5.55 -0.41
CA SER A 182 -10.48 6.60 -1.23
CA SER A 182 -10.51 6.57 -1.25
C SER A 182 -9.93 6.56 -2.65
N VAL A 183 -8.61 6.33 -2.79
CA VAL A 183 -8.00 6.19 -4.12
C VAL A 183 -8.54 4.95 -4.82
N PHE A 184 -8.70 3.85 -4.09
CA PHE A 184 -9.34 2.66 -4.66
C PHE A 184 -10.71 3.03 -5.23
N HIS A 185 -11.52 3.77 -4.46
CA HIS A 185 -12.85 4.10 -4.95
C HIS A 185 -12.78 4.92 -6.23
N TYR A 186 -11.88 5.90 -6.27
CA TYR A 186 -11.83 6.84 -7.38
C TYR A 186 -11.23 6.21 -8.63
N GLU A 187 -10.13 5.49 -8.48
N GLU A 187 -10.13 5.48 -8.47
CA GLU A 187 -9.36 5.02 -9.63
CA GLU A 187 -9.33 5.03 -9.61
C GLU A 187 -9.71 3.61 -10.08
C GLU A 187 -9.63 3.61 -10.04
N ILE A 188 -10.18 2.76 -9.18
CA ILE A 188 -10.39 1.35 -9.46
C ILE A 188 -11.86 1.01 -9.56
N ALA A 189 -12.67 1.46 -8.61
CA ALA A 189 -14.04 0.99 -8.46
C ALA A 189 -15.04 1.91 -9.14
N ASN A 190 -14.58 2.93 -9.83
CA ASN A 190 -15.47 3.83 -10.55
C ASN A 190 -16.49 4.46 -9.61
N SER A 191 -16.06 4.83 -8.40
CA SER A 191 -16.95 5.39 -7.37
CA SER A 191 -16.95 5.39 -7.37
C SER A 191 -16.39 6.72 -6.88
N PRO A 192 -16.28 7.72 -7.76
CA PRO A 192 -15.70 8.99 -7.33
C PRO A 192 -16.45 9.63 -6.18
N GLU A 193 -17.77 9.48 -6.10
CA GLU A 193 -18.49 10.10 -5.00
C GLU A 193 -18.15 9.45 -3.67
N GLU A 194 -18.07 8.12 -3.64
CA GLU A 194 -17.61 7.44 -2.44
C GLU A 194 -16.20 7.90 -2.05
N ALA A 195 -15.32 8.03 -3.05
CA ALA A 195 -13.96 8.51 -2.80
C ALA A 195 -13.96 9.88 -2.13
N ILE A 196 -14.74 10.81 -2.68
CA ILE A 196 -14.78 12.18 -2.17
C ILE A 196 -15.37 12.20 -0.77
N SER A 197 -16.47 11.48 -0.56
CA SER A 197 -17.10 11.42 0.75
CA SER A 197 -17.10 11.43 0.75
C SER A 197 -16.15 10.86 1.79
N LEU A 198 -15.47 9.77 1.46
CA LEU A 198 -14.55 9.19 2.43
C LEU A 198 -13.42 10.16 2.76
N ALA A 199 -12.86 10.82 1.75
CA ALA A 199 -11.74 11.72 2.01
C ALA A 199 -12.17 12.91 2.88
N LYS A 200 -13.36 13.44 2.59
CA LYS A 200 -13.90 14.57 3.34
C LYS A 200 -14.14 14.22 4.80
N THR A 201 -14.87 13.14 5.05
CA THR A 201 -15.19 12.73 6.42
CA THR A 201 -15.18 12.78 6.43
C THR A 201 -13.91 12.41 7.19
N THR A 202 -12.97 11.74 6.52
CA THR A 202 -11.71 11.39 7.18
C THR A 202 -10.95 12.65 7.57
N PHE A 203 -10.86 13.60 6.65
CA PHE A 203 -10.15 14.85 6.92
C PHE A 203 -10.79 15.60 8.08
N ASP A 204 -12.12 15.73 8.06
CA ASP A 204 -12.79 16.55 9.07
C ASP A 204 -12.72 15.90 10.43
N GLU A 205 -12.85 14.58 10.50
CA GLU A 205 -12.75 13.93 11.80
C GLU A 205 -11.34 14.01 12.35
N ALA A 206 -10.33 13.96 11.48
CA ALA A 206 -8.97 14.13 11.96
C ALA A 206 -8.73 15.56 12.43
N MET A 207 -9.19 16.54 11.66
N MET A 207 -9.21 16.55 11.67
CA MET A 207 -9.09 17.95 12.07
CA MET A 207 -9.05 17.94 12.08
C MET A 207 -9.54 18.13 13.52
C MET A 207 -9.55 18.17 13.50
N ALA A 208 -10.69 17.57 13.85
CA ALA A 208 -11.30 17.76 15.16
C ALA A 208 -10.58 17.05 16.29
N ASP A 209 -9.63 16.16 15.97
CA ASP A 209 -8.87 15.42 16.96
C ASP A 209 -7.42 15.93 17.07
N LEU A 210 -7.02 16.88 16.24
CA LEU A 210 -5.63 17.32 16.27
C LEU A 210 -5.28 17.92 17.61
N HIS A 211 -6.27 18.49 18.30
CA HIS A 211 -5.96 19.22 19.52
C HIS A 211 -5.43 18.30 20.61
N THR A 212 -5.61 16.99 20.46
CA THR A 212 -5.17 16.03 21.45
C THR A 212 -3.70 15.64 21.30
N LEU A 213 -3.04 16.09 20.23
CA LEU A 213 -1.75 15.55 19.81
C LEU A 213 -0.59 16.44 20.25
N SER A 214 0.55 15.79 20.52
CA SER A 214 1.82 16.49 20.61
C SER A 214 2.22 17.09 19.28
N GLU A 215 3.26 17.92 19.32
CA GLU A 215 3.72 18.58 18.10
C GLU A 215 4.20 17.55 17.08
N ASP A 216 4.88 16.50 17.54
CA ASP A 216 5.42 15.50 16.60
C ASP A 216 4.30 14.65 16.00
N SER A 217 3.34 14.23 16.82
CA SER A 217 2.19 13.50 16.29
C SER A 217 1.37 14.37 15.35
N TYR A 218 1.17 15.63 15.72
CA TYR A 218 0.46 16.55 14.83
C TYR A 218 1.14 16.66 13.48
N LYS A 219 2.47 16.67 13.44
CA LYS A 219 3.18 16.72 12.16
CA LYS A 219 3.14 16.74 12.15
C LYS A 219 2.91 15.45 11.34
N ASP A 220 2.94 14.29 11.99
CA ASP A 220 2.68 13.04 11.28
C ASP A 220 1.28 13.02 10.68
N SER A 221 0.28 13.37 11.49
CA SER A 221 -1.11 13.34 11.05
C SER A 221 -1.38 14.38 9.95
N THR A 222 -0.89 15.60 10.13
CA THR A 222 -1.22 16.64 9.16
C THR A 222 -0.59 16.36 7.81
N LEU A 223 0.54 15.65 7.78
CA LEU A 223 1.15 15.29 6.50
C LEU A 223 0.19 14.44 5.66
N ILE A 224 -0.46 13.46 6.28
CA ILE A 224 -1.37 12.61 5.51
C ILE A 224 -2.68 13.34 5.24
N MET A 225 -3.12 14.21 6.15
CA MET A 225 -4.32 15.00 5.90
C MET A 225 -4.15 15.87 4.67
N GLN A 226 -2.94 16.40 4.45
CA GLN A 226 -2.70 17.23 3.27
C GLN A 226 -2.84 16.42 2.00
N LEU A 227 -2.47 15.14 2.02
CA LEU A 227 -2.68 14.29 0.86
C LEU A 227 -4.17 14.10 0.59
N LEU A 228 -4.98 13.92 1.64
CA LEU A 228 -6.42 13.88 1.46
C LEU A 228 -6.92 15.16 0.81
N ARG A 229 -6.45 16.30 1.32
CA ARG A 229 -6.86 17.58 0.74
CA ARG A 229 -6.88 17.58 0.74
C ARG A 229 -6.42 17.71 -0.71
N ASP A 230 -5.18 17.29 -1.02
CA ASP A 230 -4.69 17.39 -2.40
C ASP A 230 -5.58 16.59 -3.34
N ASN A 231 -6.00 15.39 -2.91
CA ASN A 231 -6.90 14.59 -3.73
C ASN A 231 -8.25 15.26 -3.90
N LEU A 232 -8.81 15.78 -2.80
CA LEU A 232 -10.09 16.46 -2.94
C LEU A 232 -9.98 17.62 -3.92
N THR A 233 -8.83 18.31 -3.93
CA THR A 233 -8.63 19.42 -4.86
C THR A 233 -8.56 18.92 -6.30
N LEU A 234 -7.92 17.77 -6.52
CA LEU A 234 -7.88 17.15 -7.83
C LEU A 234 -9.26 16.68 -8.27
N TRP A 235 -10.07 16.19 -7.34
CA TRP A 235 -11.30 15.46 -7.65
C TRP A 235 -12.54 16.34 -7.71
N THR A 236 -12.45 17.58 -7.27
CA THR A 236 -13.62 18.47 -7.22
C THR A 236 -13.37 19.82 -7.89
N SER B 1 -3.91 10.38 -8.57
CA SER B 1 -4.25 10.58 -7.15
C SER B 1 -3.08 10.21 -6.25
N HIS B 2 -2.94 10.95 -5.15
CA HIS B 2 -1.93 10.67 -4.14
C HIS B 2 -2.37 9.51 -3.28
N SER B 4 -0.95 6.83 0.09
CA SER B 4 -0.25 6.91 1.36
C SER B 4 1.26 6.69 1.22
N PRO B 5 2.08 7.39 2.00
CA PRO B 5 3.47 6.94 2.18
C PRO B 5 3.51 5.51 2.66
N ALA B 6 4.64 4.84 2.40
CA ALA B 6 4.81 3.47 2.91
C ALA B 6 4.98 3.45 4.43
N SER B 7 5.76 4.37 4.96
CA SER B 7 6.09 4.36 6.39
C SER B 7 5.03 5.17 7.13
N LEU B 8 4.37 4.53 8.10
CA LEU B 8 3.30 5.14 8.88
C LEU B 8 3.54 4.88 10.35
N GLN B 9 3.39 5.92 11.15
CA GLN B 9 3.72 5.86 12.57
C GLN B 9 2.66 5.06 13.34
#